data_7XHV
#
_entry.id   7XHV
#
_cell.length_a   72.846
_cell.length_b   72.846
_cell.length_c   272.741
_cell.angle_alpha   90.000
_cell.angle_beta   90.000
_cell.angle_gamma   90.000
#
_symmetry.space_group_name_H-M   'P 43 21 2'
#
loop_
_entity.id
_entity.type
_entity.pdbx_description
1 polymer 'Aryl hydrocarbon receptor nuclear translocator'
2 polymer 'Neuronal PAS domain-containing protein 4'
3 polymer "DNA (5'-D(P*GP*GP*AP*GP*GP*TP*CP*GP*TP*GP*AP*GP*TP*GP*AP*T)-3')"
4 polymer "DNA (5'-D(P*CP*CP*AP*TP*CP*AP*CP*TP*CP*AP*CP*GP*AP*CP*CP*T)-3')"
#
loop_
_entity_poly.entity_id
_entity_poly.type
_entity_poly.pdbx_seq_one_letter_code
_entity_poly.pdbx_strand_id
1 'polypeptide(L)'
;SSADKERLARENHSEIERRRRNKMTAYITELSDMVPTCSALARKPDKLTILRMAVSHMKSLRGTGNTSTDGSYKPSFLTD
QELKHLILEAADGFLFIVSCETGRVVYVSDSVTPVLNQPQSEWFGSTLYDQVHPDDVDKLREQLSTSENALTGRVLDLKT
GTVKKEGQQSSMRMCMGSRRSFICRMRCGTSSVDPVSMNRLSFLRNRCRNGLGSVKEGEPHFVVVHCTGYIKAWPPAGVS
LPDDDPEAGQGSKFCLVAIGRLQVTSSPNCTDMSNICQP
;
A
2 'polypeptide(L)'
;MYRSTKGASKARRDQINAEIRNLKELLPLAEADKVRLSYLHIMSLACIYTRKGVFFAGGTPLAGPTGLLSAQELEDIVAA
LPGFLLVFTAEGKLLYLSESVSEHLGHSMVDLVAQGDSIYDIIDPADHLTVRQQLTMPSALDADRLFRCRFNTSKSLRRQ
SSGNKLVLIRGRFHAHPPGAYWAGNPVFTAFCAPLEPRPRPGPGPHHHHHH
;
B
3 'polydeoxyribonucleotide' (DG)(DG)(DA)(DG)(DG)(DT)(DC)(DG)(DT)(DG)(DA)(DG)(DT)(DG)(DA)(DT) C
4 'polydeoxyribonucleotide' (DC)(DC)(DA)(DT)(DC)(DA)(DC)(DT)(DC)(DA)(DC)(DG)(DA)(DC)(DC)(DT) D
#
# COMPACT_ATOMS: atom_id res chain seq x y z
N ASP A 4 27.30 -39.60 -13.84
CA ASP A 4 26.20 -38.96 -14.55
C ASP A 4 25.48 -37.95 -13.65
N LYS A 5 26.13 -37.57 -12.56
CA LYS A 5 25.53 -36.62 -11.62
C LYS A 5 25.69 -35.18 -12.09
N GLU A 6 26.76 -34.87 -12.81
CA GLU A 6 27.00 -33.50 -13.25
C GLU A 6 25.95 -33.04 -14.25
N ARG A 7 25.53 -33.94 -15.16
CA ARG A 7 24.45 -33.58 -16.06
C ARG A 7 23.13 -33.43 -15.32
N LEU A 8 22.93 -34.22 -14.25
CA LEU A 8 21.70 -34.09 -13.47
C LEU A 8 21.68 -32.79 -12.67
N ALA A 9 22.85 -32.27 -12.30
CA ALA A 9 22.90 -30.96 -11.65
C ALA A 9 22.72 -29.83 -12.65
N ARG A 10 23.32 -29.97 -13.85
CA ARG A 10 23.10 -28.98 -14.89
C ARG A 10 21.66 -28.99 -15.38
N GLU A 11 20.93 -30.08 -15.21
CA GLU A 11 19.51 -30.07 -15.55
C GLU A 11 18.71 -29.18 -14.59
N ASN A 12 19.00 -29.30 -13.29
CA ASN A 12 18.35 -28.41 -12.34
C ASN A 12 18.75 -26.96 -12.59
N HIS A 13 20.01 -26.73 -12.93
CA HIS A 13 20.44 -25.38 -13.30
C HIS A 13 19.72 -24.90 -14.55
N SER A 14 19.45 -25.81 -15.48
CA SER A 14 18.73 -25.46 -16.70
C SER A 14 17.30 -25.03 -16.37
N GLU A 15 16.61 -25.82 -15.55
CA GLU A 15 15.25 -25.43 -15.16
C GLU A 15 15.24 -24.12 -14.38
N ILE A 16 16.26 -23.90 -13.56
CA ILE A 16 16.34 -22.65 -12.80
C ILE A 16 16.51 -21.45 -13.73
N GLU A 17 17.46 -21.55 -14.68
CA GLU A 17 17.68 -20.44 -15.59
C GLU A 17 16.55 -20.29 -16.61
N ARG A 18 15.73 -21.32 -16.79
CA ARG A 18 14.56 -21.16 -17.64
C ARG A 18 13.43 -20.45 -16.87
N ARG A 19 13.26 -20.79 -15.59
CA ARG A 19 12.30 -20.06 -14.78
C ARG A 19 12.72 -18.60 -14.63
N ARG A 20 14.03 -18.36 -14.50
CA ARG A 20 14.54 -17.01 -14.38
C ARG A 20 14.15 -16.13 -15.57
N ARG A 21 14.00 -16.73 -16.75
CA ARG A 21 13.61 -15.97 -17.93
C ARG A 21 12.10 -15.95 -18.13
N ASN A 22 11.41 -17.04 -17.79
CA ASN A 22 9.96 -17.06 -17.94
C ASN A 22 9.25 -16.28 -16.84
N LYS A 23 9.99 -15.83 -15.83
CA LYS A 23 9.46 -14.89 -14.84
C LYS A 23 9.60 -13.45 -15.31
N MET A 24 10.71 -13.11 -15.96
CA MET A 24 10.84 -11.76 -16.50
C MET A 24 9.96 -11.58 -17.74
N THR A 25 9.69 -12.65 -18.48
CA THR A 25 8.70 -12.55 -19.54
C THR A 25 7.35 -12.16 -18.97
N ALA A 26 7.01 -12.68 -17.78
CA ALA A 26 5.76 -12.29 -17.13
C ALA A 26 5.82 -10.85 -16.64
N TYR A 27 6.98 -10.43 -16.11
CA TYR A 27 7.11 -9.04 -15.65
C TYR A 27 7.09 -8.02 -16.78
N ILE A 28 7.48 -8.41 -18.00
CA ILE A 28 7.37 -7.48 -19.12
C ILE A 28 5.99 -7.56 -19.78
N THR A 29 5.36 -8.72 -19.76
CA THR A 29 3.99 -8.81 -20.26
C THR A 29 3.04 -8.05 -19.34
N GLU A 30 3.22 -8.18 -18.03
CA GLU A 30 2.44 -7.41 -17.08
C GLU A 30 2.95 -5.98 -16.94
N LEU A 31 3.98 -5.62 -17.72
CA LEU A 31 4.36 -4.23 -17.91
C LEU A 31 3.74 -3.64 -19.17
N SER A 32 3.26 -4.49 -20.07
CA SER A 32 2.52 -4.08 -21.26
C SER A 32 1.02 -4.17 -21.05
N ASP A 33 0.56 -5.17 -20.30
CA ASP A 33 -0.86 -5.36 -20.03
C ASP A 33 -1.43 -4.40 -19.01
N MET A 34 -0.65 -3.42 -18.53
CA MET A 34 -1.20 -2.47 -17.58
C MET A 34 -0.95 -1.02 -17.99
N VAL A 35 0.13 -0.75 -18.69
CA VAL A 35 0.42 0.64 -19.07
C VAL A 35 -0.56 1.06 -20.17
N PRO A 36 -1.04 2.29 -20.18
CA PRO A 36 -1.95 2.71 -21.26
C PRO A 36 -1.23 2.92 -22.57
N THR A 37 0.02 3.38 -22.52
CA THR A 37 0.79 3.63 -23.73
C THR A 37 0.91 2.38 -24.59
N CYS A 38 1.11 1.23 -23.94
CA CYS A 38 1.23 -0.06 -24.63
C CYS A 38 0.09 -1.01 -24.27
N SER A 39 -1.07 -0.46 -23.91
CA SER A 39 -2.21 -1.30 -23.54
C SER A 39 -2.68 -2.15 -24.71
N ALA A 40 -2.50 -1.67 -25.94
CA ALA A 40 -2.94 -2.39 -27.13
C ALA A 40 -2.28 -3.76 -27.26
N ALA A 42 -3.91 -4.08 -30.87
CA ALA A 42 -3.24 -3.93 -32.16
C ALA A 42 -1.93 -4.72 -32.20
N ARG A 43 -0.87 -4.07 -32.68
CA ARG A 43 0.44 -4.70 -32.75
C ARG A 43 1.04 -4.82 -31.36
N LYS A 44 1.57 -6.00 -31.04
CA LYS A 44 2.24 -6.21 -29.77
C LYS A 44 3.68 -5.73 -29.88
N PRO A 45 4.13 -4.79 -29.05
CA PRO A 45 5.48 -4.27 -29.18
C PRO A 45 6.52 -5.25 -28.67
N ASP A 46 7.77 -5.00 -29.08
CA ASP A 46 8.90 -5.80 -28.64
C ASP A 46 9.24 -5.49 -27.18
N LYS A 47 10.09 -6.33 -26.60
CA LYS A 47 10.46 -6.16 -25.20
C LYS A 47 11.12 -4.82 -24.96
N LEU A 48 12.21 -4.53 -25.67
CA LEU A 48 12.93 -3.28 -25.46
C LEU A 48 12.02 -2.07 -25.54
N THR A 49 11.02 -2.10 -26.43
CA THR A 49 10.08 -0.98 -26.48
C THR A 49 9.20 -0.94 -25.25
N ILE A 50 8.82 -2.10 -24.72
CA ILE A 50 8.03 -2.10 -23.47
C ILE A 50 8.85 -1.53 -22.32
N LEU A 51 10.13 -1.91 -22.23
CA LEU A 51 10.98 -1.34 -21.19
C LEU A 51 11.18 0.15 -21.38
N ARG A 52 11.30 0.63 -22.62
CA ARG A 52 11.46 2.05 -22.85
C ARG A 52 10.18 2.81 -22.50
N MET A 53 9.03 2.24 -22.86
CA MET A 53 7.75 2.85 -22.49
C MET A 53 7.57 2.85 -20.99
N ALA A 54 8.15 1.87 -20.30
CA ALA A 54 8.12 1.85 -18.84
C ALA A 54 9.02 2.94 -18.26
N VAL A 55 10.27 3.01 -18.72
CA VAL A 55 11.17 4.08 -18.29
C VAL A 55 10.50 5.43 -18.43
N SER A 56 9.93 5.69 -19.59
CA SER A 56 9.34 7.00 -19.86
C SER A 56 8.07 7.21 -19.04
N HIS A 57 7.12 6.29 -19.16
CA HIS A 57 5.85 6.43 -18.45
C HIS A 57 6.05 6.54 -16.94
N MET A 58 7.07 5.85 -16.40
CA MET A 58 7.37 6.03 -14.98
C MET A 58 7.72 7.47 -14.66
N LYS A 59 8.35 8.19 -15.59
CA LYS A 59 8.87 9.51 -15.31
C LYS A 59 7.79 10.57 -15.16
N SER A 60 7.23 10.69 -13.95
CA SER A 60 6.36 11.80 -13.59
C SER A 60 6.69 12.17 -12.15
N LEU A 61 7.70 13.01 -11.96
CA LEU A 61 8.14 13.47 -10.64
C LEU A 61 8.44 12.28 -9.73
N ARG A 62 9.41 11.47 -10.14
CA ARG A 62 9.80 10.26 -9.41
C ARG A 62 11.28 10.31 -9.04
N GLY A 63 11.59 10.93 -7.91
CA GLY A 63 12.96 11.04 -7.45
C GLY A 63 13.09 11.64 -6.06
N PRO A 75 11.77 10.88 -2.15
CA PRO A 75 11.39 9.47 -2.26
C PRO A 75 9.89 9.25 -1.99
N SER A 76 9.61 8.55 -0.89
CA SER A 76 8.29 8.37 -0.30
C SER A 76 7.36 7.42 -1.07
N PHE A 77 7.71 7.07 -2.32
CA PHE A 77 7.04 5.98 -3.04
C PHE A 77 5.55 6.23 -3.27
N LEU A 78 5.01 7.32 -2.72
CA LEU A 78 3.56 7.51 -2.69
C LEU A 78 3.25 8.98 -2.49
N THR A 79 2.39 9.54 -3.33
CA THR A 79 1.96 10.91 -3.15
C THR A 79 1.29 11.08 -1.79
N ASP A 80 1.63 12.18 -1.12
CA ASP A 80 1.12 12.47 0.22
C ASP A 80 -0.37 12.14 0.35
N GLN A 81 -1.19 12.62 -0.59
CA GLN A 81 -2.62 12.35 -0.52
C GLN A 81 -2.95 10.90 -0.84
N GLU A 82 -2.15 10.25 -1.71
CA GLU A 82 -2.36 8.82 -1.92
C GLU A 82 -2.08 8.03 -0.66
N LEU A 83 -0.99 8.39 0.05
CA LEU A 83 -0.69 7.75 1.32
C LEU A 83 -1.80 7.99 2.33
N LYS A 84 -2.33 9.22 2.38
CA LYS A 84 -3.45 9.53 3.27
C LYS A 84 -4.66 8.66 2.97
N HIS A 85 -5.07 8.62 1.69
CA HIS A 85 -6.22 7.84 1.29
C HIS A 85 -6.03 6.36 1.58
N LEU A 86 -4.80 5.85 1.40
CA LEU A 86 -4.56 4.43 1.67
C LEU A 86 -4.48 4.14 3.17
N ILE A 87 -3.97 5.08 3.97
CA ILE A 87 -4.01 4.92 5.42
C ILE A 87 -5.44 4.77 5.89
N LEU A 88 -6.32 5.68 5.42
CA LEU A 88 -7.72 5.60 5.84
C LEU A 88 -8.39 4.33 5.31
N GLU A 89 -8.12 3.95 4.06
CA GLU A 89 -8.76 2.78 3.48
C GLU A 89 -8.18 1.46 3.97
N ALA A 90 -7.06 1.48 4.68
CA ALA A 90 -6.40 0.27 5.15
C ALA A 90 -6.51 0.05 6.64
N ALA A 91 -6.24 1.08 7.45
CA ALA A 91 -6.37 0.97 8.90
C ALA A 91 -7.81 1.06 9.37
N ASP A 92 -8.76 1.15 8.43
CA ASP A 92 -10.19 1.28 8.74
C ASP A 92 -10.43 2.42 9.72
N GLY A 93 -9.77 3.54 9.49
CA GLY A 93 -9.93 4.72 10.30
C GLY A 93 -10.56 5.87 9.53
N PHE A 94 -10.62 7.03 10.19
CA PHE A 94 -11.14 8.25 9.59
C PHE A 94 -10.27 9.41 10.04
N LEU A 95 -10.35 10.50 9.28
CA LEU A 95 -9.59 11.71 9.57
C LEU A 95 -10.55 12.82 9.99
N PHE A 96 -10.14 13.58 11.01
CA PHE A 96 -10.96 14.68 11.48
C PHE A 96 -10.05 15.81 11.96
N ILE A 97 -10.49 17.04 11.74
CA ILE A 97 -9.83 18.22 12.30
C ILE A 97 -10.77 18.81 13.34
N VAL A 98 -10.26 18.95 14.56
CA VAL A 98 -11.03 19.48 15.68
C VAL A 98 -10.42 20.80 16.14
N SER A 99 -11.22 21.56 16.88
CA SER A 99 -10.81 22.84 17.44
C SER A 99 -10.17 22.65 18.81
N CYS A 100 -9.20 23.52 19.11
CA CYS A 100 -8.46 23.43 20.36
C CYS A 100 -9.10 24.20 21.51
N GLU A 101 -10.09 25.05 21.23
CA GLU A 101 -10.83 25.73 22.29
C GLU A 101 -12.31 25.34 22.29
N THR A 102 -12.98 25.48 21.15
CA THR A 102 -14.40 25.14 21.05
C THR A 102 -14.63 23.64 20.94
N GLY A 103 -13.65 22.88 20.44
CA GLY A 103 -13.80 21.46 20.25
C GLY A 103 -14.59 21.06 19.03
N ARG A 104 -15.17 22.02 18.31
CA ARG A 104 -15.96 21.72 17.13
C ARG A 104 -15.09 21.08 16.06
N VAL A 105 -15.66 20.11 15.33
CA VAL A 105 -15.02 19.52 14.17
C VAL A 105 -15.22 20.45 12.97
N VAL A 106 -14.12 20.81 12.31
CA VAL A 106 -14.23 21.65 11.14
C VAL A 106 -14.18 20.85 9.85
N TYR A 107 -13.76 19.58 9.92
CA TYR A 107 -13.76 18.69 8.77
C TYR A 107 -13.71 17.26 9.29
N VAL A 108 -14.45 16.38 8.61
CA VAL A 108 -14.47 14.97 8.96
C VAL A 108 -14.50 14.20 7.65
N SER A 109 -13.81 13.06 7.63
CA SER A 109 -13.67 12.32 6.39
C SER A 109 -14.98 11.63 6.01
N ASP A 110 -15.02 11.10 4.79
CA ASP A 110 -16.13 10.23 4.41
C ASP A 110 -16.06 8.87 5.07
N SER A 111 -14.99 8.62 5.82
CA SER A 111 -14.77 7.32 6.43
C SER A 111 -15.57 7.12 7.71
N VAL A 112 -16.14 8.19 8.27
CA VAL A 112 -16.83 8.09 9.55
C VAL A 112 -18.11 7.28 9.42
N THR A 113 -18.81 7.39 8.29
CA THR A 113 -19.97 6.53 8.08
C THR A 113 -19.56 5.07 8.01
N PRO A 114 -18.49 4.67 7.32
CA PRO A 114 -18.06 3.27 7.39
C PRO A 114 -17.59 2.83 8.77
N VAL A 115 -16.87 3.67 9.51
CA VAL A 115 -16.25 3.17 10.74
C VAL A 115 -17.17 3.32 11.95
N LEU A 116 -17.68 4.52 12.20
CA LEU A 116 -18.49 4.81 13.37
C LEU A 116 -19.99 4.78 13.08
N ASN A 117 -20.39 4.40 11.87
CA ASN A 117 -21.81 4.26 11.50
C ASN A 117 -22.60 5.56 11.68
N GLN A 118 -21.93 6.71 11.57
CA GLN A 118 -22.62 7.99 11.67
C GLN A 118 -22.36 8.81 10.41
N PRO A 119 -23.38 9.47 9.86
CA PRO A 119 -23.17 10.32 8.68
C PRO A 119 -22.35 11.55 9.03
N GLN A 120 -21.70 12.10 8.00
CA GLN A 120 -20.82 13.25 8.20
C GLN A 120 -21.55 14.42 8.84
N SER A 121 -22.85 14.53 8.60
CA SER A 121 -23.61 15.66 9.15
C SER A 121 -23.67 15.60 10.66
N GLU A 122 -23.89 14.41 11.23
CA GLU A 122 -23.97 14.27 12.69
C GLU A 122 -22.65 14.54 13.39
N TRP A 123 -21.57 14.74 12.64
CA TRP A 123 -20.30 15.18 13.19
C TRP A 123 -20.02 16.64 12.84
N PHE A 124 -20.02 16.97 11.55
CA PHE A 124 -19.76 18.33 11.08
C PHE A 124 -20.59 19.35 11.87
N GLY A 125 -19.93 20.42 12.30
CA GLY A 125 -20.60 21.45 13.06
C GLY A 125 -20.64 21.14 14.55
N SER A 126 -20.78 19.86 14.89
CA SER A 126 -20.76 19.46 16.29
C SER A 126 -19.34 19.55 16.84
N THR A 127 -19.21 19.29 18.13
CA THR A 127 -17.92 19.25 18.79
C THR A 127 -17.56 17.82 19.15
N LEU A 128 -16.26 17.60 19.39
CA LEU A 128 -15.81 16.29 19.86
C LEU A 128 -16.37 15.98 21.24
N TYR A 129 -16.72 17.02 22.00
CA TYR A 129 -17.23 16.81 23.35
C TYR A 129 -18.60 16.16 23.34
N ASP A 130 -19.48 16.56 22.41
CA ASP A 130 -20.79 15.93 22.26
C ASP A 130 -20.70 14.50 21.73
N GLN A 131 -19.52 14.04 21.34
CA GLN A 131 -19.38 12.75 20.68
C GLN A 131 -18.58 11.71 21.46
N VAL A 132 -18.04 12.07 22.63
CA VAL A 132 -17.20 11.15 23.40
C VAL A 132 -17.90 10.79 24.70
N HIS A 133 -17.28 9.90 25.47
CA HIS A 133 -17.81 9.57 26.79
C HIS A 133 -17.33 10.63 27.78
N PRO A 134 -18.22 11.29 28.51
CA PRO A 134 -17.82 12.45 29.32
C PRO A 134 -16.70 12.19 30.31
N ASP A 135 -16.62 10.99 30.89
CA ASP A 135 -15.57 10.76 31.89
C ASP A 135 -14.16 10.79 31.31
N ASP A 136 -14.03 10.91 29.98
CA ASP A 136 -12.75 11.16 29.33
C ASP A 136 -12.61 12.57 28.81
N VAL A 137 -13.72 13.29 28.62
CA VAL A 137 -13.71 14.57 27.91
C VAL A 137 -12.74 15.54 28.57
N ASP A 138 -12.64 15.51 29.90
CA ASP A 138 -11.71 16.40 30.60
C ASP A 138 -10.27 16.11 30.18
N LYS A 139 -9.86 14.85 30.25
CA LYS A 139 -8.54 14.48 29.73
C LYS A 139 -8.44 14.81 28.25
N LEU A 140 -9.56 14.75 27.54
CA LEU A 140 -9.60 15.17 26.13
C LEU A 140 -9.04 16.58 25.99
N ARG A 141 -9.49 17.50 26.84
CA ARG A 141 -8.98 18.87 26.80
C ARG A 141 -7.46 18.90 26.97
N GLU A 142 -6.93 18.03 27.84
CA GLU A 142 -5.48 17.95 28.00
C GLU A 142 -4.81 17.69 26.65
N GLN A 143 -5.34 16.76 25.87
CA GLN A 143 -4.79 16.49 24.56
C GLN A 143 -5.08 17.65 23.60
N LEU A 144 -6.22 18.32 23.77
CA LEU A 144 -6.60 19.41 22.87
C LEU A 144 -5.88 20.70 23.20
N SER A 145 -5.67 20.98 24.49
CA SER A 145 -5.00 22.21 24.91
C SER A 145 -3.56 22.19 24.41
N THR A 146 -3.19 23.17 23.58
CA THR A 146 -1.85 23.24 23.02
C THR A 146 -0.78 23.25 24.13
N SER A 147 -1.07 23.89 25.25
CA SER A 147 -0.15 23.90 26.38
C SER A 147 -0.92 23.59 27.67
N GLY A 177 3.10 21.81 15.63
CA GLY A 177 3.71 20.63 15.06
C GLY A 177 4.13 19.60 16.10
N SER A 178 3.41 19.59 17.22
CA SER A 178 3.67 18.63 18.28
C SER A 178 2.82 17.38 18.10
N ARG A 179 3.34 16.26 18.59
CA ARG A 179 2.66 14.98 18.45
C ARG A 179 1.57 14.83 19.51
N ARG A 180 0.41 14.31 19.09
CA ARG A 180 -0.70 14.03 19.99
C ARG A 180 -1.19 12.61 19.77
N SER A 181 -1.50 11.92 20.85
CA SER A 181 -1.94 10.53 20.79
C SER A 181 -2.78 10.23 22.01
N PHE A 182 -3.93 9.58 21.81
CA PHE A 182 -4.77 9.25 22.95
C PHE A 182 -5.84 8.24 22.53
N ILE A 183 -6.12 7.31 23.42
CA ILE A 183 -7.26 6.41 23.25
C ILE A 183 -8.49 7.11 23.84
N CYS A 184 -9.64 6.91 23.20
CA CYS A 184 -10.84 7.60 23.65
C CYS A 184 -12.08 6.88 23.13
N ARG A 185 -13.15 6.92 23.93
CA ARG A 185 -14.40 6.31 23.51
C ARG A 185 -15.14 7.22 22.55
N MET A 186 -16.03 6.63 21.75
CA MET A 186 -16.77 7.39 20.76
C MET A 186 -18.10 6.70 20.50
N ARG A 187 -19.15 7.50 20.33
CA ARG A 187 -20.50 6.98 20.15
C ARG A 187 -20.63 6.34 18.78
N CYS A 188 -20.79 5.02 18.76
CA CYS A 188 -20.82 4.25 17.53
C CYS A 188 -22.26 3.83 17.22
N GLY A 189 -22.78 4.31 16.09
CA GLY A 189 -24.08 3.88 15.62
C GLY A 189 -25.22 4.85 15.84
N THR A 190 -25.82 5.31 14.74
CA THR A 190 -27.03 6.13 14.79
C THR A 190 -28.10 5.49 13.92
N SER A 191 -27.67 4.87 12.82
CA SER A 191 -28.56 4.15 11.92
C SER A 191 -27.75 3.03 11.27
N SER A 192 -28.31 2.44 10.22
CA SER A 192 -27.62 1.38 9.49
C SER A 192 -26.50 1.98 8.63
N VAL A 193 -25.81 1.12 7.88
CA VAL A 193 -24.71 1.56 7.03
C VAL A 193 -24.78 0.89 5.66
N PHE A 222 -21.20 2.59 21.37
CA PHE A 222 -19.88 3.06 21.81
C PHE A 222 -18.79 2.10 21.37
N VAL A 223 -17.65 2.65 20.96
CA VAL A 223 -16.45 1.89 20.60
C VAL A 223 -15.22 2.67 21.06
N VAL A 224 -14.08 1.99 21.08
CA VAL A 224 -12.80 2.63 21.39
C VAL A 224 -12.15 3.04 20.07
N VAL A 225 -11.67 4.28 20.01
CA VAL A 225 -11.11 4.85 18.78
C VAL A 225 -9.79 5.49 19.17
N HIS A 226 -8.69 4.79 18.91
CA HIS A 226 -7.37 5.38 19.18
C HIS A 226 -7.12 6.47 18.16
N CYS A 227 -6.89 7.69 18.65
CA CYS A 227 -6.68 8.86 17.81
C CYS A 227 -5.21 9.25 17.87
N THR A 228 -4.63 9.54 16.71
CA THR A 228 -3.24 9.94 16.60
C THR A 228 -3.10 11.06 15.58
N GLY A 229 -2.31 12.08 15.92
CA GLY A 229 -2.16 13.19 15.00
C GLY A 229 -1.28 14.33 15.46
N TYR A 230 -1.53 15.53 14.93
CA TYR A 230 -0.68 16.67 15.21
C TYR A 230 -1.53 17.93 15.31
N ILE A 231 -0.99 18.91 16.04
CA ILE A 231 -1.61 20.21 16.19
C ILE A 231 -0.94 21.17 15.21
N LYS A 232 -1.75 21.82 14.38
CA LYS A 232 -1.26 22.76 13.39
C LYS A 232 -2.08 24.04 13.47
N ALA A 233 -1.65 25.05 12.73
CA ALA A 233 -2.46 26.24 12.59
C ALA A 233 -3.70 25.92 11.75
N TRP A 234 -4.63 26.88 11.69
CA TRP A 234 -5.84 26.68 10.90
C TRP A 234 -5.86 27.64 9.72
N PRO A 235 -5.25 27.28 8.59
CA PRO A 235 -5.39 28.07 7.37
C PRO A 235 -6.50 27.54 6.49
N PRO A 236 -7.77 27.92 6.74
CA PRO A 236 -8.86 27.41 5.89
C PRO A 236 -8.60 27.65 4.40
N ALA A 237 -8.10 28.83 4.06
CA ALA A 237 -7.71 29.14 2.70
C ALA A 237 -6.58 28.21 2.25
N GLY A 238 -5.42 28.34 2.87
CA GLY A 238 -4.27 27.52 2.51
C GLY A 238 -3.63 27.94 1.20
N PHE A 254 -5.39 27.39 16.73
CA PHE A 254 -4.81 26.07 16.53
C PHE A 254 -5.89 25.00 16.39
N CYS A 255 -5.57 23.95 15.61
CA CYS A 255 -6.46 22.83 15.37
C CYS A 255 -5.68 21.53 15.54
N LEU A 256 -6.43 20.46 15.83
CA LEU A 256 -5.88 19.12 15.97
C LEU A 256 -6.34 18.29 14.78
N VAL A 257 -5.39 17.92 13.92
CA VAL A 257 -5.65 17.02 12.80
C VAL A 257 -5.30 15.62 13.27
N ALA A 258 -6.26 14.70 13.20
CA ALA A 258 -6.04 13.36 13.75
C ALA A 258 -6.70 12.30 12.89
N ILE A 259 -6.04 11.14 12.85
CA ILE A 259 -6.60 9.92 12.27
C ILE A 259 -7.08 9.06 13.43
N GLY A 260 -8.30 8.55 13.32
CA GLY A 260 -8.88 7.75 14.38
C GLY A 260 -9.25 6.36 13.93
N ARG A 261 -8.60 5.34 14.49
CA ARG A 261 -8.85 3.96 14.09
C ARG A 261 -9.32 3.15 15.28
N LEU A 262 -10.23 2.21 15.02
CA LEU A 262 -10.75 1.36 16.09
C LEU A 262 -9.75 0.27 16.44
N GLN A 263 -9.58 0.01 17.73
CA GLN A 263 -8.66 -1.02 18.20
C GLN A 263 -9.38 -2.37 18.21
N VAL A 264 -8.66 -3.42 17.82
CA VAL A 264 -9.25 -4.75 17.70
C VAL A 264 -9.65 -5.30 19.08
N ARG B 3 30.66 -16.80 -39.66
CA ARG B 3 30.32 -18.13 -39.15
C ARG B 3 29.71 -18.00 -37.75
N SER B 4 28.81 -17.03 -37.56
CA SER B 4 28.25 -16.77 -36.25
C SER B 4 27.00 -15.90 -36.39
N THR B 5 26.36 -15.63 -35.25
CA THR B 5 25.23 -14.72 -35.15
C THR B 5 25.31 -13.82 -33.92
N LYS B 6 26.40 -13.86 -33.16
CA LYS B 6 26.58 -13.05 -31.97
C LYS B 6 26.88 -11.61 -32.36
N GLY B 7 27.27 -10.81 -31.38
CA GLY B 7 27.51 -9.40 -31.58
C GLY B 7 26.27 -8.54 -31.63
N ALA B 8 25.14 -9.11 -32.05
CA ALA B 8 23.85 -8.43 -32.05
C ALA B 8 23.03 -8.79 -30.82
N SER B 9 22.94 -10.08 -30.50
CA SER B 9 22.31 -10.49 -29.26
C SER B 9 23.01 -9.84 -28.06
N LYS B 10 24.35 -9.73 -28.12
CA LYS B 10 25.11 -9.07 -27.07
C LYS B 10 24.72 -7.61 -26.91
N ALA B 11 24.17 -6.98 -27.95
CA ALA B 11 23.72 -5.61 -27.88
C ALA B 11 22.26 -5.52 -27.43
N ARG B 12 21.40 -6.43 -27.92
CA ARG B 12 20.03 -6.46 -27.44
C ARG B 12 19.98 -6.67 -25.93
N ARG B 13 20.85 -7.54 -25.41
CA ARG B 13 20.86 -7.79 -23.97
C ARG B 13 21.38 -6.57 -23.22
N ASP B 14 22.46 -5.96 -23.70
CA ASP B 14 23.01 -4.79 -23.01
C ASP B 14 22.08 -3.59 -23.10
N GLN B 15 21.15 -3.56 -24.05
CA GLN B 15 20.18 -2.48 -24.15
C GLN B 15 18.97 -2.74 -23.25
N ILE B 16 18.45 -3.97 -23.29
CA ILE B 16 17.34 -4.33 -22.40
C ILE B 16 17.77 -4.17 -20.95
N ASN B 17 18.94 -4.71 -20.60
CA ASN B 17 19.48 -4.71 -19.26
C ASN B 17 20.14 -3.39 -18.89
N ALA B 18 20.02 -2.37 -19.74
CA ALA B 18 20.36 -1.02 -19.38
C ALA B 18 19.13 -0.14 -19.24
N GLU B 19 18.11 -0.37 -20.05
CA GLU B 19 16.81 0.25 -19.77
C GLU B 19 16.26 -0.26 -18.44
N ILE B 20 16.60 -1.50 -18.08
CA ILE B 20 16.24 -2.00 -16.76
C ILE B 20 16.97 -1.23 -15.66
N ARG B 21 18.25 -0.92 -15.88
CA ARG B 21 18.96 -0.10 -14.90
C ARG B 21 18.40 1.32 -14.87
N ASN B 22 17.83 1.77 -15.99
CA ASN B 22 17.10 3.04 -15.99
C ASN B 22 15.87 2.97 -15.07
N LEU B 23 15.02 1.96 -15.29
CA LEU B 23 13.97 1.62 -14.33
C LEU B 23 14.45 1.67 -12.90
N LYS B 24 15.60 1.03 -12.62
CA LYS B 24 16.10 0.97 -11.25
C LYS B 24 16.45 2.36 -10.73
N GLU B 25 17.13 3.17 -11.53
CA GLU B 25 17.51 4.50 -11.06
C GLU B 25 16.31 5.41 -10.88
N LEU B 26 15.19 5.14 -11.57
CA LEU B 26 14.01 5.98 -11.43
C LEU B 26 13.07 5.54 -10.29
N LEU B 27 13.30 4.37 -9.71
CA LEU B 27 12.46 3.92 -8.61
C LEU B 27 12.58 4.86 -7.43
N PRO B 28 11.47 5.27 -6.82
CA PRO B 28 11.52 6.20 -5.67
C PRO B 28 11.80 5.48 -4.36
N LEU B 29 12.99 4.88 -4.27
CA LEU B 29 13.47 4.26 -3.04
C LEU B 29 14.72 5.00 -2.58
N ALA B 30 15.09 4.77 -1.32
CA ALA B 30 16.27 5.40 -0.77
C ALA B 30 17.53 5.00 -1.52
N GLU B 31 18.43 5.98 -1.70
CA GLU B 31 19.65 5.74 -2.48
C GLU B 31 20.41 4.51 -1.98
N ALA B 32 20.43 4.28 -0.67
CA ALA B 32 21.14 3.14 -0.12
C ALA B 32 20.50 1.79 -0.45
N ASP B 33 19.21 1.78 -0.71
CA ASP B 33 18.52 0.52 -0.98
C ASP B 33 18.73 0.02 -2.41
N LYS B 34 19.25 0.85 -3.30
CA LYS B 34 19.45 0.46 -4.70
C LYS B 34 20.87 -0.05 -4.93
N VAL B 35 21.25 -1.08 -4.17
CA VAL B 35 22.60 -1.65 -4.24
C VAL B 35 22.59 -3.05 -4.86
N ARG B 36 21.93 -4.01 -4.20
CA ARG B 36 21.98 -5.37 -4.75
C ARG B 36 21.05 -5.50 -5.95
N LEU B 37 19.74 -5.42 -5.70
CA LEU B 37 18.72 -5.25 -6.74
C LEU B 37 18.91 -6.11 -7.98
N SER B 38 18.80 -7.44 -7.84
CA SER B 38 18.82 -8.31 -9.00
C SER B 38 17.84 -7.82 -10.07
N TYR B 39 18.09 -8.18 -11.33
CA TYR B 39 17.25 -7.67 -12.42
C TYR B 39 15.79 -8.05 -12.22
N LEU B 40 15.52 -9.28 -11.82
CA LEU B 40 14.14 -9.70 -11.57
C LEU B 40 13.56 -9.07 -10.31
N HIS B 41 14.38 -8.39 -9.51
CA HIS B 41 13.92 -7.62 -8.36
C HIS B 41 13.60 -6.19 -8.75
N ILE B 42 14.40 -5.62 -9.67
CA ILE B 42 14.10 -4.31 -10.24
C ILE B 42 12.82 -4.37 -11.05
N MET B 43 12.65 -5.43 -11.83
CA MET B 43 11.39 -5.61 -12.55
C MET B 43 10.21 -5.66 -11.58
N SER B 44 10.38 -6.28 -10.41
CA SER B 44 9.27 -6.39 -9.46
C SER B 44 8.95 -5.02 -8.86
N LEU B 45 9.97 -4.31 -8.39
CA LEU B 45 9.75 -2.98 -7.84
C LEU B 45 9.11 -2.06 -8.88
N ALA B 46 9.49 -2.20 -10.15
CA ALA B 46 8.88 -1.38 -11.19
C ALA B 46 7.43 -1.79 -11.45
N CYS B 47 7.15 -3.09 -11.48
CA CYS B 47 5.77 -3.53 -11.66
C CYS B 47 4.89 -3.06 -10.52
N ILE B 48 5.46 -2.84 -9.34
CA ILE B 48 4.67 -2.32 -8.23
C ILE B 48 4.42 -0.83 -8.39
N TYR B 49 5.49 -0.06 -8.64
CA TYR B 49 5.32 1.39 -8.71
C TYR B 49 4.46 1.79 -9.90
N THR B 50 4.78 1.28 -11.09
CA THR B 50 4.03 1.62 -12.29
C THR B 50 2.65 0.96 -12.32
N ARG B 51 2.25 0.42 -11.20
CA ARG B 51 0.90 -0.09 -11.09
C ARG B 51 0.31 0.55 -9.86
N LYS B 52 1.08 1.35 -9.14
CA LYS B 52 0.57 2.09 -8.00
C LYS B 52 0.54 3.53 -8.34
N GLY B 53 0.05 3.75 -9.52
CA GLY B 53 -0.06 5.03 -10.10
C GLY B 53 -1.21 4.72 -11.00
N VAL B 54 -0.89 4.21 -12.16
CA VAL B 54 -2.04 3.99 -12.98
C VAL B 54 -3.19 3.80 -12.05
N PHE B 55 -3.09 2.86 -11.17
CA PHE B 55 -4.30 2.70 -10.37
C PHE B 55 -4.83 4.05 -9.92
N PHE B 56 -3.95 4.95 -9.51
CA PHE B 56 -4.39 6.27 -9.07
C PHE B 56 -4.57 7.24 -10.21
N ALA B 57 -3.89 7.02 -11.34
CA ALA B 57 -3.94 7.97 -12.46
C ALA B 57 -5.29 7.96 -13.14
N GLY B 58 -5.69 6.80 -13.68
CA GLY B 58 -6.97 6.70 -14.35
C GLY B 58 -8.18 6.80 -13.43
N GLY B 59 -7.97 6.68 -12.13
CA GLY B 59 -9.06 6.77 -11.18
C GLY B 59 -9.48 8.21 -10.92
N THR B 60 -10.52 8.33 -10.10
CA THR B 60 -11.01 9.66 -9.72
C THR B 60 -10.00 10.34 -8.81
N PRO B 61 -9.66 11.62 -9.06
CA PRO B 61 -8.76 12.33 -8.14
C PRO B 61 -9.22 12.23 -6.70
N LEU B 62 -8.32 11.77 -5.82
CA LEU B 62 -8.67 11.48 -4.44
C LEU B 62 -9.31 12.69 -3.75
N ALA B 63 -10.43 12.43 -3.09
CA ALA B 63 -11.19 13.49 -2.44
C ALA B 63 -10.39 14.08 -1.28
N GLY B 64 -10.96 15.11 -0.68
CA GLY B 64 -10.36 15.72 0.48
C GLY B 64 -9.45 16.88 0.14
N PRO B 65 -8.99 17.59 1.17
CA PRO B 65 -8.14 18.76 0.97
C PRO B 65 -6.71 18.37 0.60
N THR B 66 -5.93 19.41 0.27
CA THR B 66 -4.55 19.24 -0.20
C THR B 66 -3.59 19.24 0.99
N GLY B 67 -3.16 18.06 1.41
CA GLY B 67 -2.11 17.95 2.42
C GLY B 67 -2.41 18.55 3.78
N LEU B 68 -3.38 17.98 4.49
CA LEU B 68 -3.62 18.39 5.87
C LEU B 68 -2.50 17.94 6.79
N LEU B 69 -1.82 16.86 6.43
CA LEU B 69 -0.73 16.30 7.22
C LEU B 69 0.54 16.26 6.37
N SER B 70 1.68 16.46 7.01
CA SER B 70 2.94 16.43 6.30
C SER B 70 3.30 14.99 5.92
N ALA B 71 4.18 14.86 4.92
CA ALA B 71 4.64 13.54 4.50
C ALA B 71 5.32 12.81 5.65
N GLN B 72 6.22 13.50 6.35
CA GLN B 72 6.87 12.89 7.50
C GLN B 72 5.88 12.60 8.62
N GLU B 73 4.84 13.42 8.75
CA GLU B 73 3.80 13.15 9.74
C GLU B 73 3.01 11.89 9.40
N LEU B 74 2.65 11.74 8.13
CA LEU B 74 1.97 10.51 7.70
C LEU B 74 2.86 9.30 7.89
N GLU B 75 4.18 9.46 7.66
CA GLU B 75 5.11 8.35 7.90
C GLU B 75 5.19 8.01 9.39
N ASP B 76 5.17 9.03 10.25
CA ASP B 76 5.21 8.77 11.68
C ASP B 76 3.94 8.08 12.16
N ILE B 77 2.79 8.45 11.58
CA ILE B 77 1.55 7.74 11.93
C ILE B 77 1.60 6.30 11.42
N VAL B 78 2.10 6.10 10.20
CA VAL B 78 2.27 4.74 9.66
C VAL B 78 3.17 3.91 10.55
N ALA B 79 4.21 4.52 11.13
CA ALA B 79 5.11 3.80 12.01
C ALA B 79 4.44 3.50 13.36
N ALA B 80 3.66 4.46 13.88
CA ALA B 80 2.98 4.26 15.16
C ALA B 80 1.95 3.15 15.10
N LEU B 81 1.54 2.73 13.90
CA LEU B 81 0.49 1.72 13.77
C LEU B 81 0.94 0.38 14.35
N PRO B 82 0.05 -0.32 15.05
CA PRO B 82 0.32 -1.70 15.51
C PRO B 82 0.14 -2.72 14.40
N GLY B 83 0.99 -2.64 13.40
CA GLY B 83 0.93 -3.51 12.25
C GLY B 83 1.57 -2.83 11.05
N PHE B 84 1.24 -3.34 9.86
CA PHE B 84 1.74 -2.75 8.62
C PHE B 84 0.67 -2.80 7.54
N LEU B 85 0.57 -1.71 6.79
CA LEU B 85 -0.37 -1.63 5.67
C LEU B 85 0.15 -2.44 4.50
N LEU B 86 -0.78 -3.04 3.77
CA LEU B 86 -0.42 -3.84 2.60
C LEU B 86 -1.65 -3.95 1.72
N VAL B 87 -1.58 -3.36 0.52
CA VAL B 87 -2.70 -3.34 -0.40
C VAL B 87 -2.27 -3.99 -1.70
N PHE B 88 -3.09 -4.91 -2.20
CA PHE B 88 -2.80 -5.71 -3.36
C PHE B 88 -4.09 -5.99 -4.12
N THR B 89 -3.97 -6.21 -5.43
CA THR B 89 -5.14 -6.40 -6.27
C THR B 89 -5.73 -7.79 -6.08
N ALA B 90 -6.96 -7.95 -6.61
CA ALA B 90 -7.69 -9.20 -6.44
C ALA B 90 -6.99 -10.38 -7.10
N GLU B 91 -6.23 -10.12 -8.17
CA GLU B 91 -5.49 -11.21 -8.81
C GLU B 91 -4.43 -11.77 -7.88
N GLY B 92 -3.74 -10.89 -7.16
CA GLY B 92 -2.65 -11.28 -6.28
C GLY B 92 -1.51 -10.29 -6.38
N LYS B 93 -1.45 -9.57 -7.50
CA LYS B 93 -0.40 -8.58 -7.71
C LYS B 93 -0.44 -7.52 -6.61
N LEU B 94 0.75 -7.18 -6.10
CA LEU B 94 0.83 -6.19 -5.04
C LEU B 94 0.67 -4.78 -5.60
N LEU B 95 0.31 -3.85 -4.73
CA LEU B 95 0.18 -2.46 -5.15
C LEU B 95 0.94 -1.51 -4.22
N TYR B 96 0.96 -1.78 -2.92
CA TYR B 96 1.70 -0.94 -1.98
C TYR B 96 1.96 -1.73 -0.71
N LEU B 97 3.22 -1.90 -0.37
CA LEU B 97 3.63 -2.55 0.87
C LEU B 97 4.24 -1.48 1.77
N SER B 98 3.75 -1.39 3.00
CA SER B 98 4.20 -0.34 3.91
C SER B 98 5.64 -0.59 4.36
N GLU B 99 6.44 0.48 4.38
CA GLU B 99 7.80 0.39 4.88
C GLU B 99 7.87 0.33 6.40
N SER B 100 6.72 0.25 7.07
CA SER B 100 6.68 -0.04 8.50
C SER B 100 6.88 -1.51 8.79
N VAL B 101 6.82 -2.36 7.76
CA VAL B 101 7.05 -3.80 7.94
C VAL B 101 8.48 -4.13 8.32
N SER B 102 9.38 -3.15 8.24
CA SER B 102 10.79 -3.42 8.55
C SER B 102 10.97 -3.98 9.96
N GLU B 103 10.06 -3.63 10.87
CA GLU B 103 10.17 -4.07 12.26
C GLU B 103 9.14 -5.12 12.67
N HIS B 104 7.99 -5.17 12.00
CA HIS B 104 7.00 -6.20 12.33
C HIS B 104 7.29 -7.54 11.67
N LEU B 105 8.23 -7.59 10.72
CA LEU B 105 8.55 -8.84 10.05
C LEU B 105 10.04 -9.16 9.99
N GLY B 106 10.90 -8.21 10.30
CA GLY B 106 12.33 -8.45 10.21
C GLY B 106 12.93 -8.06 8.88
N HIS B 107 12.47 -8.68 7.80
CA HIS B 107 12.86 -8.24 6.46
C HIS B 107 12.15 -6.92 6.13
N SER B 108 12.89 -6.00 5.53
CA SER B 108 12.29 -4.73 5.13
C SER B 108 11.40 -4.90 3.90
N MET B 109 10.81 -3.78 3.45
CA MET B 109 9.94 -3.81 2.28
C MET B 109 10.70 -4.30 1.06
N VAL B 110 11.82 -3.65 0.74
CA VAL B 110 12.56 -3.97 -0.47
C VAL B 110 12.95 -5.44 -0.48
N ASP B 111 13.56 -5.91 0.61
CA ASP B 111 14.04 -7.28 0.66
C ASP B 111 12.93 -8.32 0.53
N LEU B 112 11.67 -7.93 0.73
CA LEU B 112 10.57 -8.88 0.74
C LEU B 112 9.94 -9.10 -0.62
N VAL B 113 9.96 -8.09 -1.49
CA VAL B 113 9.35 -8.17 -2.81
C VAL B 113 10.33 -8.82 -3.79
N ALA B 114 11.41 -9.38 -3.25
CA ALA B 114 12.39 -10.07 -4.09
C ALA B 114 11.93 -11.48 -4.47
N GLN B 115 11.23 -12.17 -3.56
CA GLN B 115 10.77 -13.52 -3.87
C GLN B 115 9.72 -13.55 -4.97
N GLY B 116 9.16 -12.41 -5.35
CA GLY B 116 8.13 -12.36 -6.35
C GLY B 116 7.40 -11.04 -6.29
N ASP B 117 6.24 -11.00 -6.94
CA ASP B 117 5.49 -9.75 -7.00
C ASP B 117 4.08 -9.92 -6.48
N SER B 118 3.51 -11.12 -6.66
CA SER B 118 2.17 -11.39 -6.16
C SER B 118 2.17 -11.63 -4.66
N ILE B 119 1.03 -11.37 -4.02
CA ILE B 119 0.84 -11.76 -2.63
C ILE B 119 1.12 -13.25 -2.47
N TYR B 120 0.85 -14.03 -3.52
CA TYR B 120 1.06 -15.47 -3.62
C TYR B 120 2.51 -15.83 -3.82
N ASP B 121 3.42 -14.85 -3.70
CA ASP B 121 4.85 -15.09 -3.71
C ASP B 121 5.51 -14.82 -2.37
N ILE B 122 4.87 -14.05 -1.50
CA ILE B 122 5.41 -13.77 -0.18
C ILE B 122 4.85 -14.69 0.89
N ILE B 123 3.67 -15.28 0.67
CA ILE B 123 3.00 -16.11 1.65
C ILE B 123 3.47 -17.56 1.50
N ASP B 124 3.54 -18.27 2.63
CA ASP B 124 3.90 -19.68 2.59
C ASP B 124 2.89 -20.44 1.74
N PRO B 125 3.35 -21.23 0.76
CA PRO B 125 2.40 -21.83 -0.19
C PRO B 125 1.27 -22.63 0.43
N ALA B 126 1.52 -23.28 1.57
CA ALA B 126 0.47 -24.07 2.21
C ALA B 126 -0.78 -23.25 2.48
N ASP B 127 -0.61 -21.99 2.88
CA ASP B 127 -1.73 -21.11 3.17
C ASP B 127 -2.34 -20.48 1.93
N HIS B 128 -1.69 -20.60 0.77
CA HIS B 128 -2.18 -19.94 -0.44
C HIS B 128 -3.65 -20.19 -0.65
N LEU B 129 -4.08 -21.45 -0.51
CA LEU B 129 -5.48 -21.81 -0.73
C LEU B 129 -6.41 -20.89 0.04
N THR B 130 -6.13 -20.69 1.34
CA THR B 130 -6.93 -19.78 2.15
C THR B 130 -7.10 -18.43 1.46
N VAL B 131 -5.97 -17.79 1.13
CA VAL B 131 -6.04 -16.45 0.56
C VAL B 131 -6.86 -16.43 -0.72
N ARG B 132 -6.94 -17.56 -1.42
CA ARG B 132 -7.70 -17.58 -2.67
C ARG B 132 -9.20 -17.56 -2.42
N GLN B 133 -9.66 -18.24 -1.38
CA GLN B 133 -11.11 -18.29 -1.15
C GLN B 133 -11.62 -16.95 -0.62
N GLN B 134 -10.80 -16.24 0.14
CA GLN B 134 -11.16 -14.92 0.64
C GLN B 134 -10.90 -13.82 -0.37
N LEU B 135 -10.46 -14.18 -1.58
CA LEU B 135 -10.18 -13.21 -2.63
C LEU B 135 -10.93 -13.45 -3.92
N THR B 136 -11.52 -14.62 -4.12
CA THR B 136 -12.26 -14.87 -5.35
C THR B 136 -13.53 -14.04 -5.40
N MET B 137 -14.40 -14.17 -4.41
CA MET B 137 -15.60 -13.38 -4.34
C MET B 137 -15.25 -11.89 -4.29
N PRO B 138 -15.71 -11.08 -5.25
CA PRO B 138 -15.43 -9.64 -5.18
C PRO B 138 -16.31 -8.96 -4.15
N SER B 139 -16.24 -7.63 -4.08
CA SER B 139 -17.03 -6.86 -3.11
C SER B 139 -18.39 -6.48 -3.70
N ALA B 140 -19.21 -7.51 -3.96
CA ALA B 140 -20.60 -7.25 -4.32
C ALA B 140 -21.25 -6.54 -3.13
N LEU B 141 -21.35 -7.25 -2.01
CA LEU B 141 -21.63 -6.63 -0.71
C LEU B 141 -20.75 -7.22 0.37
N ASP B 142 -20.06 -8.33 0.10
CA ASP B 142 -19.19 -8.98 1.06
C ASP B 142 -17.93 -8.14 1.24
N ALA B 143 -17.79 -7.48 2.39
CA ALA B 143 -16.64 -6.64 2.67
C ALA B 143 -16.18 -6.94 4.10
N ASP B 144 -15.15 -6.19 4.52
CA ASP B 144 -14.49 -6.39 5.80
C ASP B 144 -14.16 -7.86 6.02
N ARG B 145 -13.33 -8.38 5.13
CA ARG B 145 -12.83 -9.74 5.25
C ARG B 145 -11.68 -9.78 6.25
N LEU B 146 -11.50 -10.96 6.84
CA LEU B 146 -10.44 -11.19 7.81
C LEU B 146 -10.03 -12.65 7.73
N PHE B 147 -8.73 -12.88 7.72
CA PHE B 147 -8.20 -14.25 7.69
C PHE B 147 -6.77 -14.19 8.21
N ARG B 148 -6.05 -15.31 8.10
CA ARG B 148 -4.70 -15.40 8.63
C ARG B 148 -3.82 -16.16 7.66
N CYS B 149 -2.54 -15.83 7.66
CA CYS B 149 -1.60 -16.54 6.80
C CYS B 149 -0.21 -16.47 7.41
N ARG B 150 0.73 -17.18 6.79
CA ARG B 150 2.11 -17.21 7.26
C ARG B 150 2.99 -16.52 6.21
N PHE B 151 3.15 -15.26 6.44
CA PHE B 151 3.92 -14.52 5.55
C PHE B 151 5.18 -15.24 5.41
N ASN B 152 6.27 -14.53 5.43
CA ASN B 152 7.51 -15.20 5.23
C ASN B 152 8.71 -14.59 5.89
N THR B 153 8.79 -14.60 7.20
CA THR B 153 9.96 -14.06 7.84
C THR B 153 11.04 -15.03 7.50
N SER B 154 12.20 -14.52 7.17
CA SER B 154 13.24 -15.44 6.83
C SER B 154 14.64 -15.03 7.16
N LYS B 155 15.55 -15.77 6.55
CA LYS B 155 16.95 -15.62 6.77
C LYS B 155 17.72 -15.16 5.56
N SER B 156 17.09 -14.40 4.69
CA SER B 156 17.87 -13.79 3.62
C SER B 156 17.79 -14.50 2.27
N LEU B 157 17.26 -15.71 2.20
CA LEU B 157 17.06 -16.31 0.89
C LEU B 157 15.62 -16.72 0.63
N ARG B 158 15.13 -17.66 1.43
CA ARG B 158 13.82 -18.30 1.25
C ARG B 158 13.50 -19.09 2.51
N ARG B 159 12.50 -19.98 2.42
CA ARG B 159 12.20 -20.90 3.50
C ARG B 159 13.17 -22.07 3.34
N GLY B 163 11.30 -17.37 12.79
CA GLY B 163 10.28 -18.27 12.29
C GLY B 163 9.18 -17.55 11.54
N ASN B 164 8.47 -18.28 10.67
CA ASN B 164 7.39 -17.70 9.88
C ASN B 164 6.32 -17.11 10.78
N LYS B 165 6.19 -15.79 10.79
CA LYS B 165 5.25 -15.12 11.69
C LYS B 165 3.85 -15.17 11.11
N LEU B 166 2.90 -15.71 11.88
CA LEU B 166 1.50 -15.66 11.47
C LEU B 166 1.02 -14.22 11.50
N VAL B 167 0.30 -13.80 10.48
CA VAL B 167 -0.27 -12.47 10.43
C VAL B 167 -1.77 -12.57 10.18
N LEU B 168 -2.49 -11.59 10.73
CA LEU B 168 -3.94 -11.49 10.66
C LEU B 168 -4.30 -10.41 9.67
N ILE B 169 -4.66 -10.82 8.46
CA ILE B 169 -5.07 -9.88 7.42
C ILE B 169 -6.50 -9.45 7.67
N ARG B 170 -6.73 -8.14 7.62
CA ARG B 170 -8.05 -7.55 7.89
C ARG B 170 -8.24 -6.37 6.96
N GLY B 171 -9.21 -6.46 6.06
CA GLY B 171 -9.45 -5.38 5.12
C GLY B 171 -10.60 -5.72 4.20
N ARG B 172 -11.03 -4.71 3.44
CA ARG B 172 -12.17 -4.86 2.54
C ARG B 172 -11.83 -4.33 1.16
N PHE B 173 -12.40 -4.97 0.14
CA PHE B 173 -12.17 -4.58 -1.24
C PHE B 173 -12.67 -3.16 -1.49
N HIS B 174 -12.13 -2.53 -2.52
CA HIS B 174 -12.55 -1.18 -2.89
C HIS B 174 -12.68 -1.03 -4.40
N ALA B 175 -12.83 0.21 -4.87
CA ALA B 175 -13.11 0.46 -6.27
C ALA B 175 -11.85 0.46 -7.12
N HIS B 176 -11.96 -0.10 -8.31
CA HIS B 176 -10.92 -0.13 -9.34
C HIS B 176 -11.25 0.87 -10.44
N PRO B 177 -10.26 1.52 -11.04
CA PRO B 177 -10.53 2.37 -12.20
C PRO B 177 -10.88 1.51 -13.41
N PRO B 178 -11.50 2.08 -14.43
CA PRO B 178 -11.88 1.28 -15.59
C PRO B 178 -10.72 1.10 -16.56
N GLY B 179 -10.85 0.08 -17.38
CA GLY B 179 -9.84 -0.21 -18.39
C GLY B 179 -9.79 -1.70 -18.66
N ALA B 180 -8.76 -2.10 -19.41
CA ALA B 180 -8.59 -3.51 -19.75
C ALA B 180 -8.03 -4.30 -18.57
N TYR B 181 -6.88 -3.88 -18.05
CA TYR B 181 -6.22 -4.59 -16.97
C TYR B 181 -7.12 -4.72 -15.75
N TRP B 182 -7.90 -3.69 -15.45
CA TRP B 182 -8.77 -3.70 -14.27
C TRP B 182 -10.12 -4.32 -14.58
N ALA B 183 -10.09 -5.52 -15.17
CA ALA B 183 -11.31 -6.24 -15.54
C ALA B 183 -11.67 -7.16 -14.38
N GLY B 184 -12.58 -6.69 -13.52
CA GLY B 184 -12.94 -7.46 -12.34
C GLY B 184 -11.78 -7.66 -11.41
N ASN B 185 -10.92 -6.65 -11.26
CA ASN B 185 -9.74 -6.71 -10.41
C ASN B 185 -9.77 -5.54 -9.43
N PRO B 186 -10.69 -5.57 -8.47
CA PRO B 186 -10.74 -4.50 -7.46
C PRO B 186 -9.59 -4.63 -6.47
N VAL B 187 -9.10 -3.49 -6.02
CA VAL B 187 -7.97 -3.49 -5.09
C VAL B 187 -8.48 -3.86 -3.71
N PHE B 188 -7.60 -4.43 -2.89
CA PHE B 188 -7.96 -4.94 -1.56
C PHE B 188 -6.96 -4.43 -0.54
N THR B 189 -7.31 -3.35 0.15
CA THR B 189 -6.48 -2.87 1.24
C THR B 189 -6.58 -3.84 2.41
N ALA B 190 -5.60 -3.75 3.31
CA ALA B 190 -5.55 -4.67 4.43
C ALA B 190 -4.61 -4.12 5.51
N PHE B 191 -5.06 -4.21 6.76
CA PHE B 191 -4.24 -3.87 7.91
C PHE B 191 -3.66 -5.17 8.44
N CYS B 192 -2.42 -5.45 8.04
CA CYS B 192 -1.75 -6.69 8.41
C CYS B 192 -1.10 -6.55 9.79
N ALA B 193 -1.43 -7.47 10.70
CA ALA B 193 -0.90 -7.45 12.04
C ALA B 193 -0.39 -8.83 12.43
N PRO B 194 0.70 -8.91 13.18
CA PRO B 194 1.25 -10.21 13.55
C PRO B 194 0.51 -10.85 14.71
N LEU B 195 0.64 -12.17 14.80
CA LEU B 195 -0.02 -12.95 15.84
C LEU B 195 0.93 -13.40 16.93
N GLU B 196 2.16 -12.90 16.94
CA GLU B 196 3.12 -13.19 18.01
C GLU B 196 3.99 -11.97 18.24
N PRO B 197 3.47 -10.96 18.96
CA PRO B 197 4.20 -9.71 19.23
C PRO B 197 5.47 -9.94 20.04
#